data_4JIH
#
_entry.id   4JIH
#
_cell.length_a   88.963
_cell.length_b   88.963
_cell.length_c   77.822
_cell.angle_alpha   90.00
_cell.angle_beta   90.00
_cell.angle_gamma   120.00
#
_symmetry.space_group_name_H-M   'P 61'
#
loop_
_entity.id
_entity.type
_entity.pdbx_description
1 polymer 'Aldo-keto reductase family 1 member B10'
2 non-polymer '{5-[(2E)-2-methyl-3-phenylprop-2-en-1-ylidene]-4-oxo-2-thioxo-1,3-thiazolidin-3-yl}acetic acid'
3 non-polymer 'NADP NICOTINAMIDE-ADENINE-DINUCLEOTIDE PHOSPHATE'
4 water water
#
_entity_poly.entity_id   1
_entity_poly.type   'polypeptide(L)'
_entity_poly.pdbx_seq_one_letter_code
;SHMATFVELSTKAKMPIVGLGTWKSPLGKVKEAVKVAIDAGYRHIDCAYVYQNEHEVGEAIQEKIQEKAVKREDLFIVSK
LWPTFFERPLVRKAFEKTLKDLKLSYLDVYLIHWPQGFKSGDDLFPKDDKGNAIGGKATFLDAWEAMEELVDEGLVKALG
VSNFSHFQIEKLLNKPGLKYKPVTNQVECHPYLTQEKLIQYCHSKGITVTAYSPLGSPDRPWAKPEDPSLLEDPKIKEIA
AKHKKTAAQVLIRFHIQRNVIVIPKSVTPARIVENIQVFDFKLSDEEMATILSFNRNWRA(CSO)NVLQSSHLEDYPFDA
EY
;
_entity_poly.pdbx_strand_id   A
#
loop_
_chem_comp.id
_chem_comp.type
_chem_comp.name
_chem_comp.formula
EPR non-polymer '{5-[(2E)-2-methyl-3-phenylprop-2-en-1-ylidene]-4-oxo-2-thioxo-1,3-thiazolidin-3-yl}acetic acid' 'C15 H13 N O3 S2'
NAP non-polymer 'NADP NICOTINAMIDE-ADENINE-DINUCLEOTIDE PHOSPHATE' 'C21 H28 N7 O17 P3'
#
# COMPACT_ATOMS: atom_id res chain seq x y z
N SER A 1 -0.38 20.44 -14.22
CA SER A 1 0.62 19.81 -13.36
C SER A 1 0.12 19.72 -11.90
N HIS A 2 0.36 18.58 -11.27
CA HIS A 2 -0.21 18.28 -9.96
C HIS A 2 0.82 17.89 -8.89
N MET A 3 0.49 18.20 -7.64
CA MET A 3 1.33 17.80 -6.52
C MET A 3 0.48 17.32 -5.35
N ALA A 4 0.74 16.11 -4.89
CA ALA A 4 0.02 15.60 -3.74
C ALA A 4 0.62 16.21 -2.47
N THR A 5 -0.25 16.59 -1.54
CA THR A 5 0.14 16.99 -0.19
C THR A 5 1.18 16.02 0.43
N PHE A 6 2.05 16.55 1.27
CA PHE A 6 2.98 15.73 2.01
C PHE A 6 2.38 15.34 3.36
N VAL A 7 2.54 14.07 3.71
CA VAL A 7 2.32 13.63 5.07
C VAL A 7 3.71 13.37 5.65
N GLU A 8 4.05 14.08 6.74
CA GLU A 8 5.33 13.89 7.39
C GLU A 8 5.38 12.59 8.21
N LEU A 9 6.42 11.79 7.98
CA LEU A 9 6.68 10.57 8.75
C LEU A 9 7.51 10.90 9.98
N SER A 10 7.61 9.94 10.88
CA SER A 10 8.35 10.12 12.11
C SER A 10 9.86 10.31 11.87
N THR A 11 10.32 9.97 10.65
CA THR A 11 11.72 10.19 10.28
C THR A 11 11.92 11.57 9.69
N LYS A 12 10.85 12.35 9.63
CA LYS A 12 10.82 13.67 8.97
C LYS A 12 10.78 13.63 7.44
N ALA A 13 10.99 12.45 6.84
CA ALA A 13 10.78 12.31 5.39
C ALA A 13 9.34 12.63 5.02
N LYS A 14 9.12 13.05 3.77
CA LYS A 14 7.82 13.51 3.32
C LYS A 14 7.20 12.50 2.33
N MET A 15 6.03 11.98 2.68
CA MET A 15 5.40 10.93 1.89
C MET A 15 4.19 11.51 1.18
N PRO A 16 4.18 11.50 -0.17
CA PRO A 16 3.05 12.08 -0.90
C PRO A 16 1.75 11.36 -0.56
N ILE A 17 0.72 12.13 -0.27
CA ILE A 17 -0.51 11.56 0.24
C ILE A 17 -1.29 10.77 -0.83
N VAL A 18 -0.92 10.93 -2.08
CA VAL A 18 -1.47 10.09 -3.15
C VAL A 18 -0.33 9.45 -3.90
N GLY A 19 -0.43 8.13 -4.06
CA GLY A 19 0.50 7.38 -4.89
C GLY A 19 -0.18 6.41 -5.85
N LEU A 20 0.60 5.85 -6.76
CA LEU A 20 0.07 4.92 -7.76
C LEU A 20 0.16 3.47 -7.30
N GLY A 21 -0.96 2.75 -7.30
CA GLY A 21 -0.95 1.33 -6.99
C GLY A 21 -0.57 0.55 -8.23
N THR A 22 0.11 -0.59 -8.06
CA THR A 22 0.59 -1.33 -9.21
C THR A 22 0.18 -2.81 -9.17
N TRP A 23 -0.56 -3.20 -8.16
CA TRP A 23 -1.06 -4.58 -8.12
C TRP A 23 -2.03 -4.84 -9.28
N LYS A 24 -1.83 -5.96 -9.96
CA LYS A 24 -2.67 -6.39 -11.09
C LYS A 24 -2.42 -5.56 -12.35
N SER A 25 -1.49 -4.61 -12.30
CA SER A 25 -1.06 -3.92 -13.50
C SER A 25 -0.18 -4.88 -14.31
N PRO A 26 -0.64 -5.27 -15.50
CA PRO A 26 0.06 -6.27 -16.32
C PRO A 26 1.39 -5.73 -16.89
N LEU A 27 2.35 -6.62 -17.15
CA LEU A 27 3.50 -6.25 -17.97
C LEU A 27 2.97 -5.84 -19.35
N GLY A 28 3.56 -4.79 -19.91
CA GLY A 28 3.08 -4.26 -21.17
C GLY A 28 2.11 -3.13 -20.95
N LYS A 29 1.77 -2.86 -19.70
CA LYS A 29 0.88 -1.75 -19.36
C LYS A 29 1.40 -0.85 -18.23
N VAL A 30 2.15 -1.43 -17.30
CA VAL A 30 2.54 -0.70 -16.12
C VAL A 30 3.61 0.35 -16.40
N LYS A 31 4.51 0.05 -17.33
CA LYS A 31 5.54 1.00 -17.75
C LYS A 31 4.92 2.32 -18.19
N GLU A 32 3.95 2.23 -19.09
CA GLU A 32 3.25 3.40 -19.58
C GLU A 32 2.45 4.10 -18.48
N ALA A 33 1.88 3.30 -17.58
CA ALA A 33 1.07 3.85 -16.50
C ALA A 33 1.95 4.70 -15.58
N VAL A 34 3.10 4.15 -15.18
CA VAL A 34 4.04 4.91 -14.37
C VAL A 34 4.54 6.17 -15.09
N LYS A 35 4.90 6.03 -16.37
CA LYS A 35 5.23 7.20 -17.21
C LYS A 35 4.14 8.26 -17.17
N VAL A 36 2.89 7.86 -17.38
CA VAL A 36 1.76 8.79 -17.33
C VAL A 36 1.60 9.44 -15.96
N ALA A 37 1.71 8.64 -14.91
CA ALA A 37 1.54 9.12 -13.55
C ALA A 37 2.59 10.18 -13.21
N ILE A 38 3.84 9.89 -13.55
CA ILE A 38 4.94 10.83 -13.31
C ILE A 38 4.70 12.13 -14.06
N ASP A 39 4.35 12.03 -15.35
CA ASP A 39 4.03 13.24 -16.16
C ASP A 39 2.91 14.06 -15.53
N ALA A 40 1.94 13.36 -14.96
CA ALA A 40 0.77 14.00 -14.36
C ALA A 40 1.11 14.62 -13.00
N GLY A 41 2.15 14.11 -12.35
CA GLY A 41 2.58 14.70 -11.09
C GLY A 41 2.76 13.74 -9.92
N TYR A 42 2.42 12.47 -10.12
CA TYR A 42 2.63 11.46 -9.09
C TYR A 42 4.11 11.34 -8.77
N ARG A 43 4.45 11.29 -7.50
CA ARG A 43 5.82 11.03 -7.08
C ARG A 43 5.92 9.79 -6.22
N HIS A 44 4.77 9.24 -5.83
CA HIS A 44 4.69 8.09 -4.94
C HIS A 44 4.18 6.89 -5.77
N ILE A 45 5.00 5.85 -5.87
CA ILE A 45 4.58 4.61 -6.51
C ILE A 45 4.62 3.48 -5.50
N ASP A 46 3.52 2.71 -5.40
CA ASP A 46 3.45 1.53 -4.54
C ASP A 46 3.72 0.24 -5.31
N CYS A 47 4.79 -0.44 -4.95
CA CYS A 47 5.21 -1.66 -5.63
C CYS A 47 5.26 -2.84 -4.68
N ALA A 48 5.58 -4.01 -5.22
CA ALA A 48 5.79 -5.19 -4.41
C ALA A 48 6.48 -6.27 -5.24
N TYR A 49 7.33 -7.04 -4.58
CA TYR A 49 7.98 -8.18 -5.16
C TYR A 49 6.95 -9.13 -5.79
N VAL A 50 5.88 -9.39 -5.06
CA VAL A 50 4.93 -10.41 -5.47
C VAL A 50 4.08 -10.03 -6.71
N TYR A 51 4.04 -8.73 -7.02
CA TYR A 51 3.28 -8.27 -8.18
C TYR A 51 4.03 -8.64 -9.46
N GLN A 52 5.31 -8.94 -9.33
CA GLN A 52 6.14 -9.42 -10.45
C GLN A 52 6.18 -8.52 -11.68
N ASN A 53 6.06 -7.22 -11.46
CA ASN A 53 6.10 -6.22 -12.52
C ASN A 53 7.11 -5.09 -12.25
N GLU A 54 7.95 -5.29 -11.23
CA GLU A 54 8.85 -4.23 -10.77
C GLU A 54 9.90 -3.78 -11.81
N HIS A 55 10.38 -4.70 -12.63
CA HIS A 55 11.35 -4.36 -13.68
C HIS A 55 10.76 -3.37 -14.71
N GLU A 56 9.49 -3.56 -15.02
N GLU A 56 9.48 -3.54 -15.05
CA GLU A 56 8.78 -2.65 -15.92
CA GLU A 56 8.82 -2.58 -15.93
C GLU A 56 8.56 -1.28 -15.26
C GLU A 56 8.63 -1.24 -15.25
N VAL A 57 8.29 -1.28 -13.96
CA VAL A 57 8.18 -0.04 -13.19
C VAL A 57 9.56 0.62 -13.15
N GLY A 58 10.60 -0.20 -13.02
CA GLY A 58 11.96 0.28 -13.02
C GLY A 58 12.34 0.99 -14.31
N GLU A 59 11.97 0.43 -15.46
CA GLU A 59 12.26 1.02 -16.77
C GLU A 59 11.64 2.39 -16.93
N ALA A 60 10.39 2.53 -16.51
CA ALA A 60 9.69 3.79 -16.65
C ALA A 60 10.35 4.83 -15.76
N ILE A 61 10.80 4.42 -14.59
CA ILE A 61 11.40 5.37 -13.69
C ILE A 61 12.74 5.86 -14.23
N GLN A 62 13.53 4.92 -14.75
CA GLN A 62 14.83 5.24 -15.31
C GLN A 62 14.70 6.15 -16.52
N GLU A 63 13.76 5.84 -17.40
CA GLU A 63 13.61 6.62 -18.62
C GLU A 63 13.17 8.05 -18.31
N LYS A 64 12.29 8.21 -17.32
CA LYS A 64 11.85 9.55 -16.93
C LYS A 64 12.98 10.37 -16.31
N ILE A 65 13.85 9.71 -15.56
CA ILE A 65 15.02 10.39 -14.98
C ILE A 65 16.01 10.84 -16.05
N GLN A 66 16.36 9.94 -16.97
CA GLN A 66 17.22 10.27 -18.10
C GLN A 66 16.65 11.43 -18.86
N GLU A 67 15.35 11.34 -19.16
CA GLU A 67 14.57 12.39 -19.82
C GLU A 67 14.59 13.70 -19.06
N LYS A 68 15.01 13.68 -17.80
CA LYS A 68 14.94 14.85 -16.91
C LYS A 68 13.52 15.33 -16.65
N ALA A 69 12.57 14.39 -16.70
CA ALA A 69 11.19 14.71 -16.35
C ALA A 69 11.03 14.78 -14.84
N VAL A 70 11.94 14.13 -14.13
CA VAL A 70 11.84 14.05 -12.68
C VAL A 70 13.18 13.67 -12.09
N LYS A 71 13.43 14.08 -10.85
CA LYS A 71 14.61 13.63 -10.09
C LYS A 71 14.27 12.54 -9.05
N ARG A 72 15.19 11.58 -8.89
CA ARG A 72 15.09 10.52 -7.89
C ARG A 72 14.70 11.03 -6.49
N GLU A 73 15.35 12.10 -6.05
CA GLU A 73 15.12 12.66 -4.72
C GLU A 73 13.65 13.04 -4.48
N ASP A 74 12.94 13.31 -5.57
CA ASP A 74 11.53 13.72 -5.49
C ASP A 74 10.56 12.54 -5.68
N LEU A 75 11.06 11.41 -6.18
CA LEU A 75 10.26 10.20 -6.22
C LEU A 75 10.18 9.50 -4.85
N PHE A 76 9.09 8.78 -4.60
CA PHE A 76 8.88 8.12 -3.32
C PHE A 76 8.45 6.69 -3.62
N ILE A 77 9.41 5.79 -3.62
CA ILE A 77 9.17 4.43 -4.08
C ILE A 77 9.07 3.46 -2.89
N VAL A 78 7.97 2.73 -2.84
CA VAL A 78 7.69 1.75 -1.78
C VAL A 78 7.61 0.36 -2.39
N SER A 79 8.30 -0.59 -1.78
CA SER A 79 8.04 -1.99 -2.09
C SER A 79 7.87 -2.78 -0.80
N LYS A 80 7.76 -4.11 -0.93
CA LYS A 80 7.32 -4.96 0.18
C LYS A 80 8.04 -6.32 0.21
N LEU A 81 8.36 -6.79 1.41
CA LEU A 81 8.88 -8.13 1.58
C LEU A 81 7.74 -9.16 1.67
N TRP A 82 7.75 -10.16 0.78
CA TRP A 82 6.78 -11.28 0.81
C TRP A 82 7.19 -12.35 1.84
N PRO A 83 6.18 -12.94 2.53
CA PRO A 83 6.46 -13.80 3.71
C PRO A 83 7.21 -15.10 3.46
N THR A 84 7.38 -15.53 2.22
CA THR A 84 8.22 -16.69 1.97
C THR A 84 9.69 -16.31 2.08
N PHE A 85 9.96 -15.02 2.31
CA PHE A 85 11.35 -14.58 2.42
C PHE A 85 11.70 -14.00 3.77
N PHE A 86 11.07 -14.47 4.84
CA PHE A 86 11.33 -13.91 6.17
C PHE A 86 12.69 -14.31 6.74
N GLU A 87 13.22 -15.46 6.30
CA GLU A 87 14.52 -15.95 6.75
C GLU A 87 15.62 -14.99 6.30
N ARG A 88 16.49 -14.63 7.25
CA ARG A 88 17.46 -13.56 7.04
C ARG A 88 18.22 -13.50 5.70
N PRO A 89 18.83 -14.62 5.26
CA PRO A 89 19.49 -14.54 3.94
C PRO A 89 18.50 -14.23 2.81
N LEU A 90 17.25 -14.69 2.95
CA LEU A 90 16.25 -14.49 1.91
C LEU A 90 15.70 -13.06 1.88
N VAL A 91 15.70 -12.40 3.03
CA VAL A 91 15.32 -11.00 3.08
C VAL A 91 16.21 -10.21 2.13
N ARG A 92 17.52 -10.39 2.30
CA ARG A 92 18.50 -9.64 1.49
C ARG A 92 18.39 -10.00 0.02
N LYS A 93 18.12 -11.27 -0.27
CA LYS A 93 18.00 -11.71 -1.65
C LYS A 93 16.75 -11.14 -2.31
N ALA A 94 15.59 -11.30 -1.68
CA ALA A 94 14.36 -10.74 -2.22
C ALA A 94 14.51 -9.22 -2.33
N PHE A 95 15.10 -8.60 -1.32
CA PHE A 95 15.27 -7.16 -1.36
C PHE A 95 16.13 -6.76 -2.56
N GLU A 96 17.23 -7.49 -2.74
CA GLU A 96 18.16 -7.20 -3.82
C GLU A 96 17.50 -7.35 -5.18
N LYS A 97 16.68 -8.38 -5.34
CA LYS A 97 15.98 -8.58 -6.59
C LYS A 97 15.02 -7.41 -6.86
N THR A 98 14.26 -7.01 -5.83
CA THR A 98 13.39 -5.84 -5.94
C THR A 98 14.17 -4.59 -6.35
N LEU A 99 15.32 -4.39 -5.73
CA LEU A 99 16.09 -3.17 -5.95
C LEU A 99 16.70 -3.14 -7.34
N LYS A 100 17.15 -4.31 -7.81
CA LYS A 100 17.65 -4.45 -9.17
C LYS A 100 16.57 -4.23 -10.23
N ASP A 101 15.45 -4.95 -10.11
CA ASP A 101 14.31 -4.76 -11.01
C ASP A 101 13.91 -3.29 -11.11
N LEU A 102 13.91 -2.61 -9.97
CA LEU A 102 13.45 -1.23 -9.92
C LEU A 102 14.53 -0.28 -10.43
N LYS A 103 15.74 -0.80 -10.61
CA LYS A 103 16.88 0.00 -11.07
C LYS A 103 17.19 1.17 -10.13
N LEU A 104 16.95 0.96 -8.85
CA LEU A 104 17.23 2.00 -7.87
C LEU A 104 18.48 1.66 -7.06
N SER A 105 19.03 2.64 -6.37
CA SER A 105 20.11 2.38 -5.44
C SER A 105 19.57 2.41 -4.01
N TYR A 106 18.39 2.99 -3.82
CA TYR A 106 17.69 2.91 -2.53
C TYR A 106 16.17 2.92 -2.68
N LEU A 107 15.49 2.32 -1.72
CA LEU A 107 14.05 2.43 -1.60
C LEU A 107 13.70 3.41 -0.49
N ASP A 108 12.61 4.15 -0.65
CA ASP A 108 12.16 5.09 0.37
C ASP A 108 11.48 4.40 1.56
N VAL A 109 10.64 3.42 1.27
CA VAL A 109 10.05 2.61 2.33
C VAL A 109 9.98 1.15 1.89
N TYR A 110 10.31 0.24 2.80
CA TYR A 110 10.20 -1.20 2.57
C TYR A 110 9.25 -1.79 3.60
N LEU A 111 8.21 -2.47 3.14
CA LEU A 111 7.16 -2.93 4.05
C LEU A 111 7.20 -4.41 4.23
N ILE A 112 6.93 -4.88 5.44
CA ILE A 112 6.45 -6.24 5.58
C ILE A 112 5.05 -6.33 4.95
N HIS A 113 4.91 -7.18 3.93
CA HIS A 113 3.70 -7.22 3.12
C HIS A 113 2.52 -7.84 3.89
N TRP A 114 2.83 -8.90 4.63
CA TRP A 114 1.83 -9.69 5.34
C TRP A 114 2.54 -10.27 6.57
N PRO A 115 1.87 -10.25 7.73
CA PRO A 115 2.53 -10.59 9.00
C PRO A 115 2.85 -12.09 9.24
N GLN A 116 2.14 -12.97 8.55
CA GLN A 116 2.38 -14.40 8.68
C GLN A 116 3.48 -14.90 7.77
N GLY A 117 4.49 -15.52 8.35
CA GLY A 117 5.55 -16.13 7.56
C GLY A 117 5.11 -17.41 6.87
N PHE A 118 5.56 -17.60 5.62
CA PHE A 118 5.19 -18.77 4.84
C PHE A 118 6.43 -19.61 4.56
N LYS A 119 6.20 -20.89 4.23
CA LYS A 119 7.29 -21.79 3.88
C LYS A 119 8.16 -21.24 2.76
N SER A 120 9.47 -21.21 2.97
CA SER A 120 10.40 -20.81 1.93
C SER A 120 10.53 -21.92 0.88
N GLY A 121 11.14 -21.59 -0.24
CA GLY A 121 11.18 -22.49 -1.37
C GLY A 121 10.82 -21.74 -2.63
N ASP A 122 10.52 -22.48 -3.70
CA ASP A 122 10.28 -21.84 -4.99
C ASP A 122 8.86 -21.32 -5.15
N ASP A 123 7.91 -21.84 -4.39
CA ASP A 123 6.52 -21.35 -4.47
C ASP A 123 6.31 -20.06 -3.64
N LEU A 124 5.69 -19.06 -4.25
CA LEU A 124 5.33 -17.82 -3.55
C LEU A 124 4.10 -18.05 -2.65
N PHE A 125 3.32 -19.07 -2.96
CA PHE A 125 2.08 -19.33 -2.22
C PHE A 125 1.97 -20.77 -1.71
N PRO A 126 2.99 -21.23 -0.96
CA PRO A 126 3.04 -22.63 -0.53
C PRO A 126 1.76 -23.09 0.19
N LYS A 127 1.10 -24.10 -0.37
CA LYS A 127 0.01 -24.79 0.31
C LYS A 127 0.29 -26.30 0.50
N ASP A 128 -0.44 -26.94 1.42
CA ASP A 128 -0.34 -28.39 1.64
C ASP A 128 -1.16 -29.18 0.60
N ASP A 129 -1.73 -30.32 1.01
CA ASP A 129 -2.51 -31.20 0.16
C ASP A 129 -3.94 -30.70 0.00
N LYS A 130 -4.47 -29.99 0.99
CA LYS A 130 -5.63 -29.11 0.79
C LYS A 130 -5.01 -27.76 0.39
N GLY A 131 -5.80 -26.73 0.16
CA GLY A 131 -5.24 -25.42 -0.17
C GLY A 131 -4.86 -24.62 1.05
N ASN A 132 -4.31 -25.28 2.06
CA ASN A 132 -3.93 -24.61 3.29
C ASN A 132 -2.53 -24.05 3.25
N ALA A 133 -2.42 -22.76 3.54
CA ALA A 133 -1.13 -22.08 3.61
C ALA A 133 -0.20 -22.77 4.60
N ILE A 134 1.03 -23.02 4.19
CA ILE A 134 2.02 -23.61 5.08
C ILE A 134 2.98 -22.55 5.65
N GLY A 135 2.99 -22.43 6.98
CA GLY A 135 3.84 -21.45 7.67
C GLY A 135 5.33 -21.69 7.53
N GLY A 136 6.12 -20.66 7.85
CA GLY A 136 7.56 -20.72 7.69
C GLY A 136 8.35 -20.81 8.99
N LYS A 137 9.67 -20.78 8.89
CA LYS A 137 10.52 -20.84 10.07
C LYS A 137 10.64 -19.48 10.78
N ALA A 138 10.82 -18.42 10.00
CA ALA A 138 11.01 -17.09 10.58
C ALA A 138 9.70 -16.32 10.78
N THR A 139 9.65 -15.53 11.85
CA THR A 139 8.51 -14.68 12.10
C THR A 139 8.74 -13.30 11.49
N PHE A 140 7.74 -12.44 11.57
CA PHE A 140 7.90 -11.10 11.01
C PHE A 140 8.90 -10.28 11.84
N LEU A 141 9.13 -10.67 13.09
CA LEU A 141 10.11 -9.97 13.92
C LEU A 141 11.52 -10.33 13.46
N ASP A 142 11.71 -11.56 13.01
CA ASP A 142 12.97 -11.97 12.42
C ASP A 142 13.22 -11.19 11.13
N ALA A 143 12.20 -11.10 10.29
CA ALA A 143 12.37 -10.44 9.01
C ALA A 143 12.74 -8.98 9.29
N TRP A 144 12.09 -8.38 10.27
CA TRP A 144 12.30 -6.95 10.58
C TRP A 144 13.77 -6.68 10.90
N GLU A 145 14.36 -7.57 11.68
CA GLU A 145 15.76 -7.44 12.10
C GLU A 145 16.68 -7.36 10.90
N ALA A 146 16.44 -8.21 9.91
CA ALA A 146 17.23 -8.17 8.68
C ALA A 146 16.92 -6.89 7.91
N MET A 147 15.65 -6.47 7.95
CA MET A 147 15.24 -5.24 7.28
C MET A 147 15.90 -4.02 7.93
N GLU A 148 16.05 -4.03 9.26
CA GLU A 148 16.74 -2.91 9.91
C GLU A 148 18.18 -2.76 9.40
N GLU A 149 18.83 -3.88 9.11
CA GLU A 149 20.18 -3.83 8.56
C GLU A 149 20.26 -3.10 7.21
N LEU A 150 19.21 -3.25 6.39
CA LEU A 150 19.08 -2.52 5.12
C LEU A 150 19.08 -1.01 5.31
N VAL A 151 18.45 -0.56 6.39
CA VAL A 151 18.41 0.86 6.73
C VAL A 151 19.76 1.34 7.25
N ASP A 152 20.45 0.48 7.99
CA ASP A 152 21.77 0.82 8.51
C ASP A 152 22.76 1.04 7.39
N GLU A 153 22.56 0.31 6.29
CA GLU A 153 23.48 0.33 5.17
C GLU A 153 23.10 1.33 4.07
N GLY A 154 22.11 2.18 4.36
CA GLY A 154 21.67 3.20 3.43
C GLY A 154 20.85 2.75 2.22
N LEU A 155 20.44 1.49 2.22
CA LEU A 155 19.74 0.92 1.07
C LEU A 155 18.24 1.20 1.12
N VAL A 156 17.73 1.47 2.32
CA VAL A 156 16.32 1.77 2.53
C VAL A 156 16.25 2.88 3.54
N LYS A 157 15.36 3.84 3.31
CA LYS A 157 15.28 5.01 4.15
C LYS A 157 14.42 4.79 5.41
N ALA A 158 13.33 4.04 5.28
CA ALA A 158 12.46 3.77 6.41
C ALA A 158 11.72 2.46 6.20
N LEU A 159 11.26 1.87 7.30
CA LEU A 159 10.56 0.60 7.26
C LEU A 159 9.09 0.82 7.58
N GLY A 160 8.26 -0.12 7.14
CA GLY A 160 6.88 -0.15 7.56
C GLY A 160 6.25 -1.53 7.52
N VAL A 161 4.96 -1.57 7.85
CA VAL A 161 4.24 -2.83 7.90
C VAL A 161 2.99 -2.69 7.06
N SER A 162 2.47 -3.83 6.64
CA SER A 162 1.21 -3.88 5.90
C SER A 162 0.35 -4.98 6.49
N ASN A 163 -0.97 -4.78 6.54
CA ASN A 163 -1.90 -5.76 7.12
C ASN A 163 -1.59 -6.19 8.55
N PHE A 164 -1.08 -5.26 9.36
CA PHE A 164 -0.87 -5.53 10.78
C PHE A 164 -2.07 -5.00 11.57
N SER A 165 -2.46 -5.76 12.59
CA SER A 165 -3.41 -5.26 13.58
C SER A 165 -2.61 -4.49 14.62
N HIS A 166 -3.31 -3.84 15.52
CA HIS A 166 -2.65 -3.07 16.56
C HIS A 166 -1.87 -3.96 17.53
N PHE A 167 -2.34 -5.18 17.74
CA PHE A 167 -1.61 -6.14 18.56
C PHE A 167 -0.25 -6.46 17.96
N GLN A 168 -0.24 -6.62 16.65
CA GLN A 168 0.99 -6.99 15.98
C GLN A 168 1.94 -5.81 15.96
N ILE A 169 1.40 -4.61 15.83
CA ILE A 169 2.23 -3.41 15.89
C ILE A 169 2.80 -3.29 17.30
N GLU A 170 1.97 -3.59 18.30
CA GLU A 170 2.41 -3.60 19.71
C GLU A 170 3.61 -4.51 19.89
N LYS A 171 3.47 -5.74 19.41
CA LYS A 171 4.55 -6.71 19.38
C LYS A 171 5.81 -6.15 18.72
N LEU A 172 5.66 -5.41 17.63
CA LEU A 172 6.83 -4.89 16.95
C LEU A 172 7.51 -3.81 17.79
N LEU A 173 6.71 -2.87 18.30
CA LEU A 173 7.21 -1.76 19.11
C LEU A 173 7.84 -2.21 20.45
N ASN A 174 7.45 -3.38 20.92
CA ASN A 174 7.91 -3.84 22.22
C ASN A 174 9.07 -4.81 22.11
N LYS A 175 9.51 -5.02 20.88
CA LYS A 175 10.60 -5.93 20.59
C LYS A 175 11.95 -5.44 21.20
N PRO A 176 12.68 -6.34 21.87
CA PRO A 176 13.90 -5.86 22.52
C PRO A 176 14.94 -5.56 21.45
N GLY A 177 15.63 -4.44 21.60
CA GLY A 177 16.66 -4.06 20.66
C GLY A 177 16.11 -3.55 19.34
N LEU A 178 14.84 -3.13 19.34
CA LEU A 178 14.23 -2.52 18.16
C LEU A 178 15.13 -1.37 17.72
N LYS A 179 15.54 -1.36 16.46
CA LYS A 179 16.33 -0.24 15.96
C LYS A 179 15.46 0.81 15.25
N TYR A 180 14.49 0.37 14.45
CA TYR A 180 13.65 1.32 13.72
C TYR A 180 12.16 1.06 13.87
N LYS A 181 11.38 2.12 14.04
CA LYS A 181 9.93 2.01 14.15
C LYS A 181 9.27 2.05 12.77
N PRO A 182 8.12 1.38 12.63
CA PRO A 182 7.45 1.46 11.32
C PRO A 182 6.94 2.88 11.08
N VAL A 183 7.11 3.40 9.87
CA VAL A 183 6.62 4.74 9.55
C VAL A 183 5.19 4.69 9.01
N THR A 184 4.75 3.52 8.57
CA THR A 184 3.39 3.40 8.08
C THR A 184 2.82 1.98 8.27
N ASN A 185 1.51 1.90 8.36
CA ASN A 185 0.82 0.63 8.26
C ASN A 185 -0.09 0.69 7.04
N GLN A 186 0.21 -0.11 6.03
CA GLN A 186 -0.60 -0.10 4.80
C GLN A 186 -1.71 -1.13 4.88
N VAL A 187 -2.96 -0.66 4.89
CA VAL A 187 -4.12 -1.54 5.08
C VAL A 187 -5.26 -1.13 4.19
N GLU A 188 -6.13 -2.09 3.89
CA GLU A 188 -7.36 -1.81 3.18
C GLU A 188 -8.15 -0.76 3.94
N CYS A 189 -8.69 0.20 3.20
CA CYS A 189 -9.50 1.24 3.84
C CYS A 189 -10.31 1.98 2.78
N HIS A 190 -11.55 2.31 3.14
CA HIS A 190 -12.53 2.87 2.21
C HIS A 190 -13.81 2.99 3.04
N PRO A 191 -14.89 3.57 2.47
CA PRO A 191 -16.13 3.74 3.24
C PRO A 191 -16.80 2.46 3.74
N TYR A 192 -16.54 1.28 3.18
CA TYR A 192 -17.14 0.06 3.73
C TYR A 192 -16.27 -0.57 4.82
N LEU A 193 -15.07 -0.03 5.00
CA LEU A 193 -14.12 -0.52 6.01
C LEU A 193 -13.33 0.67 6.52
N THR A 194 -13.90 1.40 7.48
CA THR A 194 -13.36 2.72 7.82
C THR A 194 -12.11 2.72 8.69
N GLN A 195 -11.80 1.56 9.29
CA GLN A 195 -10.65 1.43 10.19
C GLN A 195 -10.54 2.53 11.23
N GLU A 196 -11.64 2.95 11.83
CA GLU A 196 -11.57 4.03 12.81
C GLU A 196 -10.62 3.74 13.98
N LYS A 197 -10.76 2.58 14.60
CA LYS A 197 -9.88 2.23 15.72
C LYS A 197 -8.44 1.97 15.30
N LEU A 198 -8.21 1.32 14.16
CA LEU A 198 -6.83 1.07 13.73
C LEU A 198 -6.09 2.37 13.43
N ILE A 199 -6.79 3.30 12.79
CA ILE A 199 -6.21 4.59 12.41
C ILE A 199 -5.92 5.43 13.64
N GLN A 200 -6.88 5.46 14.56
CA GLN A 200 -6.72 6.13 15.84
C GLN A 200 -5.47 5.61 16.57
N TYR A 201 -5.34 4.30 16.67
CA TYR A 201 -4.17 3.69 17.31
C TYR A 201 -2.85 4.05 16.61
N CYS A 202 -2.78 3.82 15.31
CA CYS A 202 -1.54 4.09 14.57
C CYS A 202 -1.11 5.55 14.73
N HIS A 203 -2.07 6.46 14.57
CA HIS A 203 -1.77 7.87 14.70
C HIS A 203 -1.24 8.22 16.11
N SER A 204 -1.81 7.58 17.13
CA SER A 204 -1.39 7.87 18.51
C SER A 204 0.04 7.45 18.77
N LYS A 205 0.59 6.58 17.91
CA LYS A 205 1.96 6.13 17.99
C LYS A 205 2.88 6.78 16.94
N GLY A 206 2.38 7.78 16.22
CA GLY A 206 3.15 8.44 15.18
C GLY A 206 3.40 7.53 13.98
N ILE A 207 2.48 6.60 13.76
CA ILE A 207 2.55 5.75 12.59
C ILE A 207 1.46 6.18 11.62
N THR A 208 1.84 6.52 10.40
CA THR A 208 0.84 6.86 9.39
C THR A 208 0.15 5.61 8.91
N VAL A 209 -0.94 5.81 8.17
CA VAL A 209 -1.70 4.72 7.56
C VAL A 209 -1.75 4.98 6.07
N THR A 210 -1.53 3.93 5.28
CA THR A 210 -1.72 3.99 3.84
C THR A 210 -2.91 3.10 3.46
N ALA A 211 -3.91 3.72 2.84
CA ALA A 211 -5.16 3.06 2.45
C ALA A 211 -5.00 2.36 1.11
N TYR A 212 -5.14 1.04 1.13
CA TYR A 212 -5.13 0.31 -0.12
C TYR A 212 -6.53 -0.11 -0.51
N SER A 213 -6.69 -0.56 -1.76
CA SER A 213 -8.01 -0.81 -2.34
C SER A 213 -9.05 0.27 -2.03
N PRO A 214 -8.71 1.55 -2.29
CA PRO A 214 -9.63 2.63 -1.87
C PRO A 214 -10.86 2.72 -2.77
N LEU A 215 -10.77 2.12 -3.96
CA LEU A 215 -11.90 2.11 -4.89
C LEU A 215 -12.71 0.81 -4.74
N GLY A 216 -12.29 -0.03 -3.80
CA GLY A 216 -12.92 -1.31 -3.58
C GLY A 216 -12.40 -2.44 -4.46
N SER A 217 -11.22 -2.23 -5.05
CA SER A 217 -10.55 -3.22 -5.91
C SER A 217 -11.47 -4.00 -6.86
N PRO A 218 -12.22 -3.30 -7.72
CA PRO A 218 -13.19 -3.97 -8.58
C PRO A 218 -12.57 -5.04 -9.50
N ASP A 219 -11.28 -4.94 -9.77
CA ASP A 219 -10.62 -5.87 -10.69
C ASP A 219 -10.03 -7.07 -9.97
N ARG A 220 -10.28 -7.19 -8.67
CA ARG A 220 -9.77 -8.33 -7.93
C ARG A 220 -10.39 -9.59 -8.54
N PRO A 221 -9.59 -10.65 -8.71
CA PRO A 221 -10.06 -11.84 -9.43
C PRO A 221 -11.33 -12.44 -8.82
N TRP A 222 -11.37 -12.53 -7.48
CA TRP A 222 -12.47 -13.17 -6.77
C TRP A 222 -13.70 -12.27 -6.57
N ALA A 223 -13.77 -11.14 -7.26
CA ALA A 223 -14.94 -10.27 -7.13
C ALA A 223 -16.22 -10.98 -7.58
N LYS A 224 -17.24 -10.92 -6.74
CA LYS A 224 -18.56 -11.45 -7.10
C LYS A 224 -19.56 -10.32 -7.34
N PRO A 225 -20.52 -10.54 -8.24
CA PRO A 225 -21.44 -9.46 -8.60
C PRO A 225 -22.20 -8.93 -7.38
N GLU A 226 -22.61 -9.83 -6.48
CA GLU A 226 -23.35 -9.39 -5.31
C GLU A 226 -22.46 -8.68 -4.27
N ASP A 227 -21.14 -8.84 -4.36
CA ASP A 227 -20.22 -8.09 -3.50
C ASP A 227 -20.49 -6.59 -3.59
N PRO A 228 -20.43 -5.90 -2.44
CA PRO A 228 -20.68 -4.46 -2.40
C PRO A 228 -19.75 -3.72 -3.37
N SER A 229 -20.23 -2.63 -3.95
CA SER A 229 -19.50 -1.97 -5.02
C SER A 229 -19.47 -0.47 -4.79
N LEU A 230 -18.33 0.02 -4.27
CA LEU A 230 -18.16 1.43 -3.89
C LEU A 230 -18.31 2.42 -5.03
N LEU A 231 -17.73 2.10 -6.20
CA LEU A 231 -17.76 3.04 -7.34
C LEU A 231 -19.16 3.24 -7.92
N GLU A 232 -20.07 2.34 -7.57
CA GLU A 232 -21.44 2.43 -8.05
C GLU A 232 -22.41 2.85 -6.94
N ASP A 233 -21.89 3.09 -5.74
CA ASP A 233 -22.72 3.51 -4.62
C ASP A 233 -23.38 4.84 -4.91
N PRO A 234 -24.71 4.83 -5.01
CA PRO A 234 -25.49 6.02 -5.37
C PRO A 234 -25.26 7.17 -4.39
N LYS A 235 -25.08 6.86 -3.11
CA LYS A 235 -24.81 7.90 -2.12
C LYS A 235 -23.41 8.53 -2.31
N ILE A 236 -22.42 7.72 -2.66
CA ILE A 236 -21.11 8.25 -3.04
C ILE A 236 -21.26 9.13 -4.28
N LYS A 237 -21.94 8.61 -5.30
N LYS A 237 -21.94 8.62 -5.31
CA LYS A 237 -22.09 9.29 -6.58
CA LYS A 237 -22.06 9.32 -6.59
C LYS A 237 -22.79 10.64 -6.43
C LYS A 237 -22.82 10.64 -6.45
N GLU A 238 -23.73 10.70 -5.49
CA GLU A 238 -24.49 11.91 -5.24
C GLU A 238 -23.66 12.98 -4.52
N ILE A 239 -22.77 12.57 -3.63
CA ILE A 239 -21.82 13.51 -3.04
C ILE A 239 -20.83 14.02 -4.11
N ALA A 240 -20.37 13.10 -4.95
CA ALA A 240 -19.54 13.45 -6.10
C ALA A 240 -20.12 14.60 -6.96
N ALA A 241 -21.28 14.36 -7.56
CA ALA A 241 -21.93 15.33 -8.45
C ALA A 241 -22.12 16.72 -7.83
N LYS A 242 -22.35 16.76 -6.53
CA LYS A 242 -22.47 18.03 -5.82
C LYS A 242 -21.16 18.83 -5.88
N HIS A 243 -20.03 18.13 -6.00
CA HIS A 243 -18.72 18.78 -6.10
C HIS A 243 -18.21 18.74 -7.53
N LYS A 244 -19.03 18.24 -8.44
CA LYS A 244 -18.65 18.12 -9.84
C LYS A 244 -17.37 17.30 -9.98
N LYS A 245 -17.39 16.13 -9.35
CA LYS A 245 -16.27 15.21 -9.26
C LYS A 245 -16.83 13.83 -9.56
N THR A 246 -15.96 12.87 -9.84
CA THR A 246 -16.38 11.49 -10.01
C THR A 246 -16.40 10.79 -8.65
N ALA A 247 -17.03 9.63 -8.59
CA ALA A 247 -17.06 8.84 -7.35
C ALA A 247 -15.65 8.46 -6.90
N ALA A 248 -14.79 8.10 -7.86
CA ALA A 248 -13.43 7.69 -7.58
C ALA A 248 -12.71 8.82 -6.84
N GLN A 249 -12.92 10.05 -7.31
CA GLN A 249 -12.31 11.22 -6.69
C GLN A 249 -12.81 11.49 -5.26
N VAL A 250 -14.07 11.19 -4.97
CA VAL A 250 -14.58 11.32 -3.60
C VAL A 250 -13.93 10.27 -2.67
N LEU A 251 -14.01 9.02 -3.11
CA LEU A 251 -13.35 7.89 -2.47
C LEU A 251 -11.87 8.15 -2.15
N ILE A 252 -11.17 8.85 -3.04
CA ILE A 252 -9.77 9.19 -2.81
C ILE A 252 -9.64 10.32 -1.78
N ARG A 253 -10.39 11.38 -2.03
CA ARG A 253 -10.46 12.52 -1.11
C ARG A 253 -10.81 12.16 0.34
N PHE A 254 -11.68 11.17 0.50
CA PHE A 254 -12.07 10.70 1.84
C PHE A 254 -10.86 10.37 2.72
N HIS A 255 -9.84 9.75 2.15
CA HIS A 255 -8.67 9.39 2.93
C HIS A 255 -7.83 10.62 3.22
N ILE A 256 -7.70 11.47 2.21
CA ILE A 256 -6.94 12.70 2.33
C ILE A 256 -7.38 13.54 3.52
N GLN A 257 -8.68 13.69 3.68
CA GLN A 257 -9.23 14.49 4.75
C GLN A 257 -9.13 13.86 6.13
N ARG A 258 -8.76 12.57 6.18
CA ARG A 258 -8.49 11.91 7.46
C ARG A 258 -6.99 11.79 7.67
N ASN A 259 -6.23 12.43 6.79
CA ASN A 259 -4.78 12.36 6.82
C ASN A 259 -4.21 10.99 6.56
N VAL A 260 -4.89 10.22 5.72
CA VAL A 260 -4.44 8.86 5.41
C VAL A 260 -3.89 8.84 3.99
N ILE A 261 -2.71 8.25 3.81
CA ILE A 261 -2.11 8.14 2.49
C ILE A 261 -2.98 7.16 1.70
N VAL A 262 -3.10 7.39 0.40
CA VAL A 262 -3.99 6.58 -0.40
C VAL A 262 -3.37 6.26 -1.75
N ILE A 263 -3.52 5.02 -2.20
CA ILE A 263 -2.81 4.56 -3.40
C ILE A 263 -3.68 3.87 -4.44
N PRO A 264 -4.59 4.63 -5.07
CA PRO A 264 -5.45 4.04 -6.12
C PRO A 264 -4.62 3.51 -7.29
N LYS A 265 -5.03 2.36 -7.81
CA LYS A 265 -4.35 1.72 -8.95
C LYS A 265 -5.13 1.99 -10.23
N SER A 266 -4.40 2.30 -11.30
CA SER A 266 -4.99 2.33 -12.64
C SER A 266 -3.88 2.15 -13.68
N VAL A 267 -4.18 1.50 -14.79
CA VAL A 267 -3.30 1.50 -15.96
C VAL A 267 -3.93 2.26 -17.13
N THR A 268 -5.05 2.92 -16.85
CA THR A 268 -5.77 3.73 -17.83
C THR A 268 -5.30 5.19 -17.69
N PRO A 269 -4.71 5.76 -18.75
CA PRO A 269 -4.20 7.15 -18.64
C PRO A 269 -5.19 8.20 -18.10
N ALA A 270 -6.44 8.23 -18.60
CA ALA A 270 -7.37 9.25 -18.13
C ALA A 270 -7.72 9.09 -16.64
N ARG A 271 -7.76 7.86 -16.17
CA ARG A 271 -8.07 7.59 -14.77
C ARG A 271 -6.88 7.96 -13.84
N ILE A 272 -5.67 7.64 -14.29
CA ILE A 272 -4.45 8.04 -13.57
C ILE A 272 -4.43 9.55 -13.31
N VAL A 273 -4.83 10.33 -14.30
CA VAL A 273 -4.83 11.77 -14.17
C VAL A 273 -5.97 12.21 -13.27
N GLU A 274 -7.14 11.62 -13.50
CA GLU A 274 -8.31 11.92 -12.70
C GLU A 274 -8.08 11.62 -11.21
N ASN A 275 -7.32 10.57 -10.92
CA ASN A 275 -7.16 10.13 -9.54
C ASN A 275 -6.29 11.03 -8.68
N ILE A 276 -5.54 11.93 -9.30
CA ILE A 276 -4.68 12.84 -8.55
C ILE A 276 -5.24 14.26 -8.62
N GLN A 277 -6.37 14.42 -9.30
CA GLN A 277 -7.09 15.70 -9.31
C GLN A 277 -8.04 15.83 -8.14
N VAL A 278 -7.50 15.78 -6.93
CA VAL A 278 -8.35 15.67 -5.74
C VAL A 278 -7.93 16.69 -4.67
N PHE A 279 -7.26 17.76 -5.10
CA PHE A 279 -6.81 18.78 -4.17
C PHE A 279 -7.50 20.11 -4.40
N ASP A 280 -8.54 20.08 -5.24
CA ASP A 280 -9.26 21.31 -5.63
C ASP A 280 -10.70 21.31 -5.15
N PHE A 281 -11.02 20.41 -4.23
CA PHE A 281 -12.31 20.43 -3.57
C PHE A 281 -12.18 19.89 -2.16
N LYS A 282 -13.20 20.12 -1.35
CA LYS A 282 -13.16 19.75 0.04
C LYS A 282 -14.53 19.18 0.38
N LEU A 283 -14.54 18.01 1.02
CA LEU A 283 -15.77 17.41 1.49
C LEU A 283 -16.13 18.12 2.78
N SER A 284 -17.40 18.47 2.95
CA SER A 284 -17.84 19.14 4.17
C SER A 284 -17.78 18.18 5.34
N ASP A 285 -17.81 18.71 6.56
CA ASP A 285 -17.76 17.89 7.76
C ASP A 285 -18.95 16.92 7.78
N GLU A 286 -20.09 17.41 7.31
CA GLU A 286 -21.29 16.62 7.26
C GLU A 286 -21.12 15.44 6.31
N GLU A 287 -20.63 15.75 5.11
CA GLU A 287 -20.38 14.75 4.09
C GLU A 287 -19.37 13.70 4.55
N MET A 288 -18.39 14.11 5.35
CA MET A 288 -17.41 13.19 5.89
C MET A 288 -18.06 12.23 6.88
N ALA A 289 -19.03 12.76 7.63
CA ALA A 289 -19.71 11.99 8.66
C ALA A 289 -20.63 10.96 8.03
N THR A 290 -21.25 11.34 6.92
CA THR A 290 -22.12 10.46 6.16
C THR A 290 -21.33 9.31 5.53
N ILE A 291 -20.16 9.62 4.98
CA ILE A 291 -19.36 8.57 4.36
C ILE A 291 -18.82 7.60 5.40
N LEU A 292 -18.36 8.14 6.52
CA LEU A 292 -17.91 7.33 7.65
C LEU A 292 -18.99 6.37 8.12
N SER A 293 -20.24 6.76 7.93
CA SER A 293 -21.39 5.98 8.39
C SER A 293 -21.70 4.80 7.48
N PHE A 294 -21.02 4.71 6.34
CA PHE A 294 -21.24 3.60 5.42
C PHE A 294 -20.44 2.35 5.80
N ASN A 295 -19.67 2.44 6.88
CA ASN A 295 -18.80 1.32 7.28
C ASN A 295 -19.60 0.02 7.39
N ARG A 296 -19.15 -1.01 6.69
CA ARG A 296 -19.84 -2.30 6.70
C ARG A 296 -18.95 -3.38 7.26
N ASN A 297 -17.74 -2.99 7.68
CA ASN A 297 -16.71 -3.95 8.07
C ASN A 297 -16.50 -4.97 6.98
N TRP A 298 -16.57 -4.52 5.74
CA TRP A 298 -16.39 -5.41 4.62
C TRP A 298 -14.97 -5.30 4.04
N ARG A 299 -14.26 -6.44 3.99
CA ARG A 299 -12.93 -6.52 3.36
C ARG A 299 -12.98 -7.05 1.93
N ALA A 300 -12.66 -6.18 0.96
CA ALA A 300 -12.63 -6.59 -0.44
C ALA A 300 -11.54 -7.60 -0.66
N CSO A 301 -10.46 -7.45 0.06
CA CSO A 301 -9.35 -8.30 -0.25
CB CSO A 301 -8.27 -7.52 -1.05
SG CSO A 301 -6.60 -7.71 -0.50
C CSO A 301 -8.95 -9.12 0.98
O CSO A 301 -8.36 -8.64 1.94
OD CSO A 301 -6.05 -9.41 -0.63
N ASN A 302 -9.39 -10.37 0.93
CA ASN A 302 -9.44 -11.26 2.07
C ASN A 302 -9.45 -12.70 1.56
N VAL A 303 -8.80 -12.88 0.41
CA VAL A 303 -8.69 -14.18 -0.25
C VAL A 303 -7.83 -15.14 0.58
N LEU A 304 -6.92 -14.56 1.39
CA LEU A 304 -6.13 -15.32 2.34
C LEU A 304 -6.96 -15.62 3.59
N GLN A 305 -7.39 -16.87 3.73
CA GLN A 305 -8.17 -17.27 4.89
C GLN A 305 -7.35 -18.24 5.73
N SER A 306 -6.06 -17.94 5.77
CA SER A 306 -5.07 -18.66 6.54
C SER A 306 -5.15 -18.39 8.05
N SER A 307 -6.35 -18.47 8.61
CA SER A 307 -6.59 -18.25 10.04
C SER A 307 -6.07 -19.40 10.89
N HIS A 308 -5.65 -20.47 10.24
CA HIS A 308 -5.00 -21.56 10.96
C HIS A 308 -3.57 -21.22 11.37
N LEU A 309 -2.96 -20.25 10.69
CA LEU A 309 -1.60 -19.88 11.04
C LEU A 309 -1.59 -18.79 12.10
N GLU A 310 -0.52 -18.79 12.90
CA GLU A 310 -0.28 -17.76 13.89
C GLU A 310 -0.17 -16.39 13.21
N ASP A 311 -0.65 -15.36 13.88
CA ASP A 311 -0.52 -14.00 13.40
C ASP A 311 -1.41 -13.70 12.20
N TYR A 312 -2.50 -14.45 12.06
CA TYR A 312 -3.58 -14.02 11.20
C TYR A 312 -4.08 -12.68 11.72
N PRO A 313 -3.98 -11.64 10.87
CA PRO A 313 -4.24 -10.25 11.30
C PRO A 313 -5.71 -9.91 11.57
N PHE A 314 -6.63 -10.60 10.91
CA PHE A 314 -8.03 -10.12 10.85
C PHE A 314 -9.01 -10.75 11.84
N ASP A 315 -8.51 -11.57 12.75
CA ASP A 315 -9.32 -12.08 13.86
C ASP A 315 -9.50 -11.03 14.96
N ALA A 316 -8.47 -10.21 15.17
CA ALA A 316 -8.55 -9.11 16.13
C ALA A 316 -9.60 -8.10 15.70
N GLU A 317 -10.10 -7.34 16.65
CA GLU A 317 -11.09 -6.33 16.36
C GLU A 317 -10.45 -5.24 15.51
N TYR A 318 -9.25 -4.82 15.92
CA TYR A 318 -8.41 -3.93 15.12
C TYR A 318 -6.93 -4.17 15.40
N EPR B . -2.72 -10.42 -2.05
O EPR B . -3.46 -11.27 -4.02
S EPR B . -1.79 -9.77 0.43
C1 EPR B . -4.11 -15.05 -3.00
O1 EPR B . -0.62 -9.12 -2.80
S1 EPR B . -2.12 -12.63 -0.73
O2 EPR B . -1.37 -7.12 -2.43
C9 EPR B . -2.86 -14.21 -2.92
C10 EPR B . -2.75 -12.85 -2.32
C11 EPR B . -3.00 -11.48 -2.85
C12 EPR B . -2.25 -10.90 -0.88
C13 EPR B . -2.92 -9.00 -2.36
C14 EPR B . -1.56 -8.35 -2.54
PA NAP C . -8.27 -0.19 -6.17
O1A NAP C . -9.30 0.16 -5.15
O2A NAP C . -7.21 0.89 -6.45
O5B NAP C . -9.00 -0.25 -7.65
C5B NAP C . -8.31 -0.54 -8.88
C4B NAP C . -9.36 -0.73 -9.93
O4B NAP C . -10.16 0.47 -10.08
C3B NAP C . -8.86 -1.07 -11.34
O3B NAP C . -9.76 -1.99 -11.94
C2B NAP C . -8.92 0.28 -12.04
O2B NAP C . -9.09 0.17 -13.47
C1B NAP C . -10.18 0.88 -11.43
N9A NAP C . -10.12 2.34 -11.48
C8A NAP C . -9.04 3.11 -11.17
N7A NAP C . -9.28 4.40 -11.22
C5A NAP C . -10.62 4.47 -11.60
C6A NAP C . -11.46 5.57 -11.85
N6A NAP C . -11.08 6.85 -11.76
N1A NAP C . -12.74 5.31 -12.23
C2A NAP C . -13.11 4.03 -12.36
N3A NAP C . -12.40 2.91 -12.16
C4A NAP C . -11.14 3.21 -11.77
O3 NAP C . -7.48 -1.47 -6.03
PN NAP C . -6.18 -2.26 -5.58
O1N NAP C . -5.30 -2.40 -6.76
O2N NAP C . -6.64 -3.47 -4.86
O5D NAP C . -5.56 -1.23 -4.55
C5D NAP C . -4.71 -0.13 -4.92
C4D NAP C . -3.26 -0.50 -4.68
O4D NAP C . -3.02 -0.73 -3.28
C3D NAP C . -2.75 -1.76 -5.35
O3D NAP C . -2.50 -1.60 -6.75
C2D NAP C . -1.50 -2.06 -4.53
O2D NAP C . -0.39 -1.23 -4.89
C1D NAP C . -1.98 -1.67 -3.10
N1N NAP C . -2.56 -2.91 -2.39
C2N NAP C . -1.81 -3.42 -1.34
C3N NAP C . -2.17 -4.59 -0.71
C7N NAP C . -1.39 -5.07 0.47
O7N NAP C . -0.50 -4.33 0.95
N7N NAP C . -1.73 -6.22 1.02
C4N NAP C . -3.33 -5.24 -1.14
C5N NAP C . -4.08 -4.71 -2.17
C6N NAP C . -3.68 -3.54 -2.79
P2B NAP C . -7.98 0.18 -14.64
O1X NAP C . -8.20 -0.75 -15.76
O2X NAP C . -8.08 1.66 -15.01
O3X NAP C . -6.66 -0.07 -13.92
#